data_3AC2
#
_entry.id   3AC2
#
_cell.length_a   42.160
_cell.length_b   74.005
_cell.length_c   91.658
_cell.angle_alpha   90.00
_cell.angle_beta   90.00
_cell.angle_gamma   90.00
#
_symmetry.space_group_name_H-M   'P 21 21 21'
#
loop_
_entity.id
_entity.type
_entity.pdbx_description
1 polymer 'Proto-oncogene tyrosine-protein kinase LCK'
2 non-polymer 'SULFATE ION'
3 non-polymer 'DIMETHYL SULFOXIDE'
4 non-polymer (4S)-2-METHYL-2,4-PENTANEDIOL
5 non-polymer 7-[(2-amino-2-methylpropyl)amino]-2-[(3,5-dimethoxyphenyl)amino]-5-methylpyrazolo[1,5-a]pyrimidine-3-carboxamide
6 water water
#
_entity_poly.entity_id   1
_entity_poly.type   'polypeptide(L)'
_entity_poly.pdbx_seq_one_letter_code
;QTQKPQKPWWEDEWEVPRETLKLVERLGAGQFGEVWMGYYNGHTKVAVKSLKQGSMSPDAFLAEANLMKQLQHQRLVRLY
AVVTQEPIYIITEYMENGSLVDFLKTPSGIKLTINKLLDMAAQIAEGMAFIEERNYIHRDLRAANILVSDTLSCKIADFG
LARLIEDNE(PTR)TAREGAKFPIKWTAPEAINYGTFTIKSDVWSFGILLTEIVTHGRIPYPGMTNPEVIQNLERGYRMV
RPDNCPEELYQLMRLCWKERPEDRPTFDYLRSVLEDFFTATEGQYQPQP
;
_entity_poly.pdbx_strand_id   A
#
loop_
_chem_comp.id
_chem_comp.type
_chem_comp.name
_chem_comp.formula
DMS non-polymer 'DIMETHYL SULFOXIDE' 'C2 H6 O S'
KSE non-polymer 7-[(2-amino-2-methylpropyl)amino]-2-[(3,5-dimethoxyphenyl)amino]-5-methylpyrazolo[1,5-a]pyrimidine-3-carboxamide 'C20 H27 N7 O3'
MPD non-polymer (4S)-2-METHYL-2,4-PENTANEDIOL 'C6 H14 O2'
SO4 non-polymer 'SULFATE ION' 'O4 S -2'
#
# COMPACT_ATOMS: atom_id res chain seq x y z
N LYS A 7 5.78 -24.45 -8.16
CA LYS A 7 5.59 -25.29 -9.39
C LYS A 7 6.47 -24.69 -10.45
N PRO A 8 7.09 -25.55 -11.32
CA PRO A 8 7.89 -24.95 -12.40
C PRO A 8 6.96 -24.21 -13.38
N TRP A 9 7.53 -23.31 -14.18
CA TRP A 9 6.76 -22.52 -15.12
C TRP A 9 5.78 -23.32 -16.01
N TRP A 10 6.13 -24.55 -16.39
CA TRP A 10 5.27 -25.34 -17.29
C TRP A 10 4.09 -25.97 -16.54
N GLU A 11 4.14 -25.93 -15.22
CA GLU A 11 2.97 -26.40 -14.41
C GLU A 11 2.24 -25.26 -13.69
N ASP A 12 2.87 -24.10 -13.64
CA ASP A 12 2.35 -22.93 -12.90
C ASP A 12 1.06 -22.37 -13.59
N GLU A 13 -0.06 -22.38 -12.87
CA GLU A 13 -1.31 -21.87 -13.39
C GLU A 13 -1.27 -20.37 -13.71
N TRP A 14 -0.32 -19.62 -13.16
CA TRP A 14 -0.16 -18.18 -13.46
C TRP A 14 0.64 -17.85 -14.71
N GLU A 15 1.49 -18.76 -15.14
CA GLU A 15 2.29 -18.57 -16.36
C GLU A 15 1.38 -18.39 -17.58
N VAL A 16 1.63 -17.36 -18.37
CA VAL A 16 0.96 -17.19 -19.67
C VAL A 16 1.99 -16.99 -20.80
N PRO A 17 1.69 -17.50 -22.02
CA PRO A 17 2.63 -17.14 -23.11
C PRO A 17 2.64 -15.62 -23.33
N ARG A 18 3.83 -15.05 -23.57
CA ARG A 18 3.95 -13.61 -23.80
C ARG A 18 2.99 -13.09 -24.92
N GLU A 19 2.73 -13.94 -25.89
CA GLU A 19 1.89 -13.58 -27.06
C GLU A 19 0.44 -13.21 -26.64
N THR A 20 0.00 -13.69 -25.49
CA THR A 20 -1.36 -13.37 -25.02
C THR A 20 -1.48 -11.86 -24.63
N LEU A 21 -0.36 -11.15 -24.57
CA LEU A 21 -0.35 -9.80 -24.03
C LEU A 21 -0.05 -8.71 -25.06
N LYS A 22 -0.82 -7.62 -25.04
CA LYS A 22 -0.52 -6.47 -25.89
C LYS A 22 -0.37 -5.25 -25.01
N LEU A 23 0.83 -4.68 -25.02
CA LEU A 23 1.15 -3.55 -24.16
C LEU A 23 0.73 -2.30 -24.92
N VAL A 24 -0.14 -1.48 -24.34
CA VAL A 24 -0.78 -0.40 -25.11
C VAL A 24 -0.31 1.00 -24.68
N GLU A 25 -0.25 1.27 -23.38
CA GLU A 25 0.07 2.61 -22.93
C GLU A 25 0.99 2.55 -21.70
N ARG A 26 2.08 3.31 -21.76
CA ARG A 26 3.03 3.28 -20.68
C ARG A 26 2.60 4.20 -19.56
N LEU A 27 2.50 3.65 -18.35
CA LEU A 27 2.01 4.39 -17.18
C LEU A 27 3.13 4.94 -16.31
N GLY A 28 4.24 4.18 -16.21
CA GLY A 28 5.43 4.57 -15.44
C GLY A 28 6.70 3.91 -15.96
N ALA A 29 7.85 4.54 -15.68
CA ALA A 29 9.17 3.96 -15.99
C ALA A 29 10.13 4.40 -14.91
N GLY A 30 10.92 3.46 -14.43
CA GLY A 30 11.89 3.76 -13.41
C GLY A 30 13.16 2.96 -13.62
N GLN A 31 14.00 3.02 -12.62
CA GLN A 31 15.26 2.32 -12.58
C GLN A 31 15.11 0.82 -12.84
N PHE A 32 13.96 0.24 -12.42
CA PHE A 32 13.78 -1.23 -12.39
C PHE A 32 12.87 -1.82 -13.47
N GLY A 33 12.25 -0.93 -14.25
CA GLY A 33 11.45 -1.34 -15.39
C GLY A 33 10.32 -0.35 -15.60
N GLU A 34 9.28 -0.85 -16.27
CA GLU A 34 8.13 -0.06 -16.68
C GLU A 34 6.82 -0.72 -16.23
N VAL A 35 5.77 0.10 -16.22
CA VAL A 35 4.42 -0.36 -15.97
C VAL A 35 3.55 0.13 -17.12
N TRP A 36 2.76 -0.79 -17.66
CA TRP A 36 2.00 -0.54 -18.87
C TRP A 36 0.54 -0.91 -18.63
N MET A 37 -0.39 -0.18 -19.24
CA MET A 37 -1.75 -0.67 -19.37
C MET A 37 -1.73 -1.50 -20.64
N GLY A 38 -2.33 -2.69 -20.61
CA GLY A 38 -2.33 -3.55 -21.78
C GLY A 38 -3.55 -4.45 -21.79
N TYR A 39 -3.62 -5.37 -22.77
CA TYR A 39 -4.74 -6.32 -22.85
C TYR A 39 -4.27 -7.76 -22.89
N TYR A 40 -5.02 -8.62 -22.22
CA TYR A 40 -4.78 -10.06 -22.23
C TYR A 40 -5.84 -10.68 -23.11
N ASN A 41 -5.37 -11.43 -24.12
CA ASN A 41 -6.25 -12.13 -25.05
C ASN A 41 -7.27 -11.21 -25.70
N GLY A 42 -6.82 -10.03 -26.10
CA GLY A 42 -7.65 -9.07 -26.84
C GLY A 42 -8.52 -8.16 -26.00
N HIS A 43 -9.16 -8.70 -24.98
CA HIS A 43 -10.33 -8.05 -24.35
C HIS A 43 -10.20 -7.61 -22.90
N THR A 44 -9.26 -8.22 -22.20
CA THR A 44 -9.18 -8.01 -20.76
C THR A 44 -8.07 -7.03 -20.41
N LYS A 45 -8.44 -5.87 -19.90
CA LYS A 45 -7.45 -4.88 -19.53
C LYS A 45 -6.68 -5.26 -18.28
N VAL A 46 -5.36 -5.10 -18.36
CA VAL A 46 -4.41 -5.55 -17.33
C VAL A 46 -3.31 -4.49 -17.11
N ALA A 47 -2.70 -4.46 -15.91
CA ALA A 47 -1.46 -3.73 -15.73
C ALA A 47 -0.31 -4.71 -15.92
N VAL A 48 0.73 -4.30 -16.65
CA VAL A 48 1.92 -5.14 -16.88
C VAL A 48 3.18 -4.46 -16.35
N LYS A 49 3.82 -5.07 -15.34
CA LYS A 49 5.08 -4.55 -14.84
C LYS A 49 6.26 -5.38 -15.41
N SER A 50 7.19 -4.69 -16.08
CA SER A 50 8.29 -5.39 -16.74
C SER A 50 9.57 -5.10 -16.04
N LEU A 51 10.38 -6.13 -15.88
CA LEU A 51 11.71 -5.99 -15.30
C LEU A 51 12.78 -5.59 -16.31
N LYS A 52 13.46 -4.49 -16.03
CA LYS A 52 14.63 -4.08 -16.84
C LYS A 52 15.83 -5.00 -16.57
N GLN A 53 16.24 -5.78 -17.57
CA GLN A 53 17.31 -6.76 -17.40
C GLN A 53 18.49 -6.08 -16.76
N GLY A 54 19.02 -6.70 -15.71
CA GLY A 54 20.26 -6.25 -15.13
C GLY A 54 20.06 -5.24 -14.04
N SER A 55 18.89 -4.59 -13.96
CA SER A 55 18.67 -3.56 -12.94
C SER A 55 18.58 -4.08 -11.53
N MET A 56 18.19 -5.35 -11.40
CA MET A 56 17.95 -5.99 -10.11
C MET A 56 17.73 -7.46 -10.40
N SER A 57 17.79 -8.27 -9.36
CA SER A 57 17.69 -9.71 -9.49
C SER A 57 16.31 -10.15 -9.99
N PRO A 58 16.27 -11.01 -11.01
CA PRO A 58 14.97 -11.54 -11.40
C PRO A 58 14.27 -12.36 -10.28
N ASP A 59 15.04 -13.06 -9.45
CA ASP A 59 14.47 -13.77 -8.29
C ASP A 59 13.82 -12.77 -7.35
N ALA A 60 14.51 -11.66 -7.08
CA ALA A 60 13.96 -10.62 -6.21
C ALA A 60 12.73 -10.01 -6.86
N PHE A 61 12.76 -9.86 -8.18
CA PHE A 61 11.62 -9.27 -8.89
C PHE A 61 10.38 -10.17 -8.72
N LEU A 62 10.56 -11.48 -8.93
CA LEU A 62 9.45 -12.45 -9.00
C LEU A 62 8.91 -12.80 -7.63
N ALA A 63 9.73 -12.58 -6.62
CA ALA A 63 9.33 -12.79 -5.24
C ALA A 63 8.02 -12.05 -4.83
N GLU A 64 7.79 -10.89 -5.43
CA GLU A 64 6.58 -10.12 -5.21
C GLU A 64 5.38 -10.91 -5.77
N ALA A 65 5.52 -11.46 -6.98
CA ALA A 65 4.41 -12.29 -7.51
C ALA A 65 4.12 -13.57 -6.70
N ASN A 66 5.17 -14.26 -6.23
CA ASN A 66 4.96 -15.48 -5.42
C ASN A 66 4.19 -15.15 -4.13
N LEU A 67 4.52 -14.02 -3.53
CA LEU A 67 3.79 -13.58 -2.34
C LEU A 67 2.31 -13.29 -2.68
N MET A 68 2.04 -12.60 -3.82
CA MET A 68 0.65 -12.32 -4.20
C MET A 68 -0.15 -13.62 -4.48
N LYS A 69 0.52 -14.68 -4.90
CA LYS A 69 -0.14 -15.98 -5.05
C LYS A 69 -0.76 -16.43 -3.74
N GLN A 70 -0.15 -16.01 -2.63
CA GLN A 70 -0.55 -16.41 -1.28
C GLN A 70 -1.54 -15.48 -0.61
N LEU A 71 -1.83 -14.35 -1.24
CA LEU A 71 -2.58 -13.30 -0.59
C LEU A 71 -3.66 -12.79 -1.49
N GLN A 72 -4.73 -13.56 -1.65
CA GLN A 72 -5.74 -13.23 -2.64
C GLN A 72 -6.98 -12.75 -1.91
N HIS A 73 -7.49 -11.56 -2.29
CA HIS A 73 -8.66 -11.00 -1.58
C HIS A 73 -9.20 -9.89 -2.45
N GLN A 74 -10.52 -9.61 -2.38
CA GLN A 74 -11.09 -8.49 -3.14
C GLN A 74 -10.40 -7.18 -2.88
N ARG A 75 -9.94 -6.99 -1.65
CA ARG A 75 -9.37 -5.69 -1.24
C ARG A 75 -7.88 -5.57 -1.54
N LEU A 76 -7.28 -6.63 -2.10
CA LEU A 76 -5.89 -6.58 -2.53
C LEU A 76 -5.77 -6.70 -4.04
N VAL A 77 -4.94 -5.85 -4.64
CA VAL A 77 -4.62 -5.94 -6.07
C VAL A 77 -4.21 -7.38 -6.43
N ARG A 78 -4.93 -7.98 -7.38
CA ARG A 78 -4.85 -9.40 -7.65
C ARG A 78 -3.79 -9.71 -8.71
N LEU A 79 -2.96 -10.73 -8.44
CA LEU A 79 -2.03 -11.21 -9.46
C LEU A 79 -2.83 -11.86 -10.58
N TYR A 80 -2.56 -11.41 -11.81
CA TYR A 80 -3.21 -11.95 -12.99
C TYR A 80 -2.40 -13.08 -13.69
N ALA A 81 -1.11 -12.85 -13.90
CA ALA A 81 -0.26 -13.83 -14.59
C ALA A 81 1.17 -13.40 -14.46
N VAL A 82 2.09 -14.26 -14.87
CA VAL A 82 3.52 -13.93 -14.93
C VAL A 82 4.00 -14.48 -16.27
N VAL A 83 5.07 -13.88 -16.80
CA VAL A 83 5.89 -14.44 -17.87
C VAL A 83 7.30 -14.54 -17.25
N THR A 84 7.81 -15.75 -17.06
CA THR A 84 9.04 -15.89 -16.30
C THR A 84 10.30 -16.05 -17.15
N GLN A 85 10.22 -15.70 -18.42
CA GLN A 85 11.42 -15.63 -19.25
C GLN A 85 11.65 -14.18 -19.69
N GLU A 86 12.89 -13.80 -19.85
CA GLU A 86 13.22 -12.39 -20.04
C GLU A 86 12.71 -11.82 -21.35
N PRO A 87 12.14 -10.60 -21.32
CA PRO A 87 11.92 -9.74 -20.15
C PRO A 87 10.74 -10.22 -19.27
N ILE A 88 11.02 -10.40 -18.00
CA ILE A 88 10.07 -10.92 -17.03
C ILE A 88 8.90 -9.94 -16.84
N TYR A 89 7.66 -10.47 -16.88
CA TYR A 89 6.48 -9.63 -16.63
C TYR A 89 5.73 -10.10 -15.37
N ILE A 90 5.27 -9.18 -14.55
CA ILE A 90 4.28 -9.47 -13.52
C ILE A 90 3.00 -8.77 -13.99
N ILE A 91 1.95 -9.54 -14.17
CA ILE A 91 0.71 -8.99 -14.74
C ILE A 91 -0.32 -8.96 -13.61
N THR A 92 -0.95 -7.79 -13.38
CA THR A 92 -1.90 -7.66 -12.27
C THR A 92 -3.23 -7.02 -12.72
N GLU A 93 -4.23 -7.16 -11.88
CA GLU A 93 -5.47 -6.38 -11.93
C GLU A 93 -5.25 -4.89 -12.24
N TYR A 94 -5.93 -4.40 -13.27
CA TYR A 94 -5.84 -3.00 -13.67
C TYR A 94 -6.80 -2.16 -12.80
N MET A 95 -6.31 -1.04 -12.30
CA MET A 95 -7.10 -0.18 -11.42
C MET A 95 -7.27 1.18 -12.13
N GLU A 96 -8.48 1.46 -12.57
CA GLU A 96 -8.69 2.48 -13.55
C GLU A 96 -8.38 3.89 -13.07
N ASN A 97 -8.45 4.15 -11.76
CA ASN A 97 -8.23 5.49 -11.25
C ASN A 97 -6.85 5.72 -10.64
N GLY A 98 -5.97 4.76 -10.85
CA GLY A 98 -4.55 4.93 -10.50
C GLY A 98 -4.27 4.93 -9.01
N SER A 99 -3.19 5.58 -8.58
CA SER A 99 -2.91 5.61 -7.15
C SER A 99 -3.82 6.59 -6.38
N LEU A 100 -4.12 6.27 -5.12
CA LEU A 100 -4.98 7.10 -4.32
C LEU A 100 -4.41 8.50 -4.20
N VAL A 101 -3.10 8.59 -3.94
CA VAL A 101 -2.45 9.88 -3.81
C VAL A 101 -2.68 10.81 -5.02
N ASP A 102 -2.68 10.25 -6.23
CA ASP A 102 -2.95 11.02 -7.47
C ASP A 102 -4.43 11.27 -7.64
N PHE A 103 -5.22 10.24 -7.31
CA PHE A 103 -6.64 10.37 -7.61
C PHE A 103 -7.32 11.50 -6.78
N LEU A 104 -6.90 11.68 -5.53
CA LEU A 104 -7.52 12.66 -4.61
C LEU A 104 -7.23 14.12 -5.05
N LYS A 105 -6.37 14.27 -6.03
CA LYS A 105 -6.03 15.58 -6.55
C LYS A 105 -6.74 15.90 -7.85
N THR A 106 -7.34 14.90 -8.47
CA THR A 106 -7.98 15.11 -9.75
C THR A 106 -9.29 15.83 -9.44
N PRO A 107 -9.94 16.40 -10.47
CA PRO A 107 -11.26 17.03 -10.27
C PRO A 107 -12.33 16.11 -9.59
N SER A 108 -12.44 14.85 -10.04
CA SER A 108 -13.28 13.86 -9.33
C SER A 108 -12.85 13.71 -7.89
N GLY A 109 -11.56 13.45 -7.68
CA GLY A 109 -11.05 13.27 -6.32
C GLY A 109 -11.39 14.44 -5.42
N ILE A 110 -11.23 15.66 -5.95
CA ILE A 110 -11.40 16.88 -5.20
C ILE A 110 -12.83 17.04 -4.71
N LYS A 111 -13.80 16.59 -5.49
CA LYS A 111 -15.19 16.73 -5.12
C LYS A 111 -15.68 15.75 -4.03
N LEU A 112 -14.89 14.74 -3.69
CA LEU A 112 -15.39 13.70 -2.76
C LEU A 112 -15.71 14.26 -1.39
N THR A 113 -16.84 13.84 -0.82
CA THR A 113 -17.20 14.29 0.54
C THR A 113 -16.35 13.56 1.58
N ILE A 114 -16.35 14.09 2.81
CA ILE A 114 -15.72 13.39 3.92
C ILE A 114 -16.27 11.97 4.12
N ASN A 115 -17.57 11.80 3.91
CA ASN A 115 -18.24 10.51 3.94
C ASN A 115 -17.55 9.47 3.05
N LYS A 116 -17.29 9.89 1.81
CA LYS A 116 -16.64 8.98 0.86
C LYS A 116 -15.17 8.68 1.23
N LEU A 117 -14.47 9.67 1.78
CA LEU A 117 -13.09 9.51 2.17
C LEU A 117 -13.03 8.49 3.32
N LEU A 118 -14.02 8.58 4.20
CA LEU A 118 -14.08 7.67 5.36
C LEU A 118 -14.36 6.26 4.89
N ASP A 119 -15.25 6.14 3.90
CA ASP A 119 -15.58 4.87 3.20
C ASP A 119 -14.28 4.27 2.65
N MET A 120 -13.59 5.01 1.80
CA MET A 120 -12.29 4.56 1.27
C MET A 120 -11.28 4.13 2.38
N ALA A 121 -11.19 4.90 3.47
CA ALA A 121 -10.30 4.54 4.58
C ALA A 121 -10.67 3.19 5.13
N ALA A 122 -11.96 2.98 5.39
CA ALA A 122 -12.47 1.70 5.85
C ALA A 122 -12.11 0.55 4.89
N GLN A 123 -12.25 0.80 3.58
CA GLN A 123 -11.92 -0.24 2.58
C GLN A 123 -10.44 -0.67 2.73
N ILE A 124 -9.58 0.33 2.92
CA ILE A 124 -8.13 0.09 3.10
C ILE A 124 -7.88 -0.72 4.38
N ALA A 125 -8.50 -0.33 5.50
CA ALA A 125 -8.33 -1.05 6.74
C ALA A 125 -8.83 -2.48 6.58
N GLU A 126 -9.88 -2.64 5.77
CA GLU A 126 -10.46 -3.97 5.49
C GLU A 126 -9.43 -4.85 4.80
N GLY A 127 -8.75 -4.25 3.82
CA GLY A 127 -7.67 -4.94 3.12
C GLY A 127 -6.55 -5.29 4.07
N MET A 128 -6.13 -4.30 4.86
CA MET A 128 -5.08 -4.53 5.86
C MET A 128 -5.49 -5.54 6.96
N ALA A 129 -6.79 -5.67 7.25
CA ALA A 129 -7.21 -6.64 8.27
C ALA A 129 -7.04 -8.05 7.72
N PHE A 130 -7.30 -8.24 6.42
CA PHE A 130 -6.97 -9.54 5.77
C PHE A 130 -5.48 -9.88 5.88
N ILE A 131 -4.60 -8.92 5.54
CA ILE A 131 -3.14 -9.09 5.64
C ILE A 131 -2.69 -9.50 7.06
N GLU A 132 -3.17 -8.74 8.04
CA GLU A 132 -3.01 -9.04 9.46
C GLU A 132 -3.46 -10.47 9.81
N GLU A 133 -4.71 -10.83 9.46
CA GLU A 133 -5.21 -12.19 9.75
C GLU A 133 -4.32 -13.28 9.17
N ARG A 134 -3.78 -13.04 7.98
CA ARG A 134 -2.97 -14.07 7.31
C ARG A 134 -1.52 -14.16 7.81
N ASN A 135 -1.18 -13.32 8.79
CA ASN A 135 0.19 -13.28 9.35
C ASN A 135 1.20 -12.64 8.43
N TYR A 136 0.75 -11.71 7.59
CA TYR A 136 1.67 -10.93 6.79
C TYR A 136 1.82 -9.49 7.32
N ILE A 137 2.85 -8.79 6.83
CA ILE A 137 2.96 -7.34 7.03
C ILE A 137 3.29 -6.78 5.65
N HIS A 138 2.98 -5.50 5.43
CA HIS A 138 3.16 -4.83 4.12
C HIS A 138 4.45 -3.98 4.09
N ARG A 139 4.64 -3.14 5.12
CA ARG A 139 5.81 -2.29 5.30
C ARG A 139 5.94 -1.06 4.41
N ASP A 140 5.04 -0.88 3.44
CA ASP A 140 5.14 0.25 2.49
C ASP A 140 3.74 0.87 2.34
N LEU A 141 2.97 0.84 3.44
CA LEU A 141 1.60 1.30 3.43
C LEU A 141 1.56 2.82 3.44
N ARG A 142 0.91 3.36 2.41
CA ARG A 142 0.91 4.80 2.18
C ARG A 142 0.01 5.04 0.98
N ALA A 143 -0.54 6.24 0.86
CA ALA A 143 -1.55 6.48 -0.18
C ALA A 143 -1.02 6.23 -1.61
N ALA A 144 0.28 6.38 -1.81
CA ALA A 144 0.86 6.06 -3.12
C ALA A 144 0.68 4.56 -3.46
N ASN A 145 0.56 3.70 -2.44
CA ASN A 145 0.40 2.29 -2.67
C ASN A 145 -1.02 1.74 -2.42
N ILE A 146 -2.01 2.64 -2.49
CA ILE A 146 -3.42 2.24 -2.58
C ILE A 146 -3.87 2.59 -4.03
N LEU A 147 -4.52 1.64 -4.72
CA LEU A 147 -5.06 1.93 -6.05
C LEU A 147 -6.57 2.02 -6.00
N VAL A 148 -7.13 2.77 -6.95
CA VAL A 148 -8.54 3.11 -6.98
C VAL A 148 -9.15 2.61 -8.28
N SER A 149 -10.26 1.89 -8.16
CA SER A 149 -10.95 1.33 -9.31
C SER A 149 -11.87 2.36 -9.98
N ASP A 150 -12.42 1.98 -11.14
CA ASP A 150 -13.39 2.84 -11.81
C ASP A 150 -14.67 3.04 -10.99
N THR A 151 -14.94 2.19 -9.99
CA THR A 151 -16.14 2.36 -9.16
C THR A 151 -15.79 3.05 -7.83
N LEU A 152 -14.58 3.61 -7.77
CA LEU A 152 -14.14 4.30 -6.57
C LEU A 152 -14.06 3.36 -5.34
N SER A 153 -13.63 2.11 -5.58
CA SER A 153 -13.20 1.24 -4.53
C SER A 153 -11.66 1.25 -4.47
N CYS A 154 -11.11 0.90 -3.30
CA CYS A 154 -9.69 0.95 -3.05
C CYS A 154 -9.12 -0.44 -2.80
N LYS A 155 -7.87 -0.66 -3.20
CA LYS A 155 -7.21 -1.94 -3.01
C LYS A 155 -5.74 -1.73 -2.59
N ILE A 156 -5.24 -2.58 -1.70
CA ILE A 156 -3.81 -2.55 -1.34
C ILE A 156 -2.97 -3.01 -2.55
N ALA A 157 -1.85 -2.33 -2.77
CA ALA A 157 -0.98 -2.62 -3.90
C ALA A 157 0.48 -2.62 -3.42
N ASP A 158 1.35 -3.10 -4.30
CA ASP A 158 2.80 -3.04 -4.12
C ASP A 158 3.28 -3.85 -2.92
N PHE A 159 3.46 -5.14 -3.17
CA PHE A 159 3.80 -6.12 -2.16
C PHE A 159 5.31 -6.47 -2.14
N GLY A 160 6.11 -5.58 -2.73
CA GLY A 160 7.55 -5.77 -2.82
C GLY A 160 8.21 -5.95 -1.45
N LEU A 161 7.74 -5.21 -0.46
CA LEU A 161 8.34 -5.31 0.88
C LEU A 161 7.55 -6.17 1.84
N ALA A 162 6.39 -6.66 1.38
CA ALA A 162 5.48 -7.46 2.19
C ALA A 162 6.18 -8.77 2.59
N ARG A 163 5.94 -9.26 3.80
CA ARG A 163 6.64 -10.47 4.30
C ARG A 163 5.67 -11.27 5.16
N LEU A 164 5.75 -12.60 5.04
CA LEU A 164 5.08 -13.51 5.99
C LEU A 164 5.84 -13.47 7.33
N ILE A 165 5.13 -13.40 8.45
CA ILE A 165 5.79 -13.60 9.72
C ILE A 165 5.54 -15.02 10.24
N GLU A 166 6.53 -15.63 10.84
CA GLU A 166 6.29 -16.81 11.71
C GLU A 166 6.14 -16.33 13.17
N ASP A 167 7.13 -15.53 13.64
CA ASP A 167 7.27 -15.13 15.05
C ASP A 167 7.08 -13.65 15.34
N ASN A 168 5.91 -13.11 14.99
CA ASN A 168 5.54 -11.72 15.27
C ASN A 168 6.30 -10.59 14.53
N GLU A 169 7.60 -10.78 14.31
CA GLU A 169 8.51 -9.71 13.89
C GLU A 169 9.42 -10.06 12.70
N PTR A 170 9.56 -9.09 11.79
CA PTR A 170 10.55 -9.15 10.73
C PTR A 170 11.61 -8.08 11.05
O PTR A 170 11.26 -6.93 11.29
CB PTR A 170 9.94 -9.04 9.31
CG PTR A 170 10.97 -8.81 8.23
CD1 PTR A 170 11.46 -9.87 7.45
CD2 PTR A 170 11.48 -7.54 7.99
CE1 PTR A 170 12.47 -9.65 6.51
CE2 PTR A 170 12.45 -7.33 7.04
CZ PTR A 170 12.95 -8.38 6.28
OH PTR A 170 13.87 -8.08 5.50
P PTR A 170 14.30 -8.77 4.11
O1P PTR A 170 13.66 -10.09 3.94
O2P PTR A 170 13.73 -7.81 3.05
O3P PTR A 170 15.81 -8.90 3.94
N THR A 171 12.89 -8.47 11.05
CA THR A 171 13.97 -7.54 11.34
C THR A 171 14.74 -7.23 10.04
N ALA A 172 14.69 -5.99 9.57
CA ALA A 172 15.50 -5.57 8.42
C ALA A 172 17.00 -5.48 8.77
N ARG A 173 17.81 -5.23 7.75
CA ARG A 173 19.25 -4.98 7.87
C ARG A 173 19.59 -3.66 8.59
N GLU A 174 20.80 -3.58 9.13
CA GLU A 174 21.35 -2.31 9.65
C GLU A 174 21.35 -1.20 8.58
N GLY A 175 21.81 -1.53 7.36
CA GLY A 175 21.82 -0.56 6.24
C GLY A 175 20.47 -0.09 5.67
N ALA A 176 19.39 -0.84 5.91
CA ALA A 176 18.09 -0.60 5.26
C ALA A 176 17.44 0.73 5.63
N LYS A 177 16.90 1.42 4.62
CA LYS A 177 16.32 2.76 4.81
C LYS A 177 14.85 2.81 4.36
N PHE A 178 14.01 3.51 5.15
CA PHE A 178 12.55 3.55 4.92
C PHE A 178 12.09 5.00 5.07
N PRO A 179 10.99 5.38 4.39
CA PRO A 179 10.54 6.78 4.48
C PRO A 179 10.24 7.12 5.91
N ILE A 180 10.90 8.16 6.43
CA ILE A 180 10.78 8.52 7.83
C ILE A 180 9.36 8.92 8.21
N LYS A 181 8.67 9.67 7.36
CA LYS A 181 7.38 10.20 7.74
C LYS A 181 6.28 9.14 7.90
N TRP A 182 6.39 8.02 7.16
CA TRP A 182 5.40 6.96 7.12
C TRP A 182 5.70 5.77 7.99
N THR A 183 6.95 5.64 8.41
CA THR A 183 7.43 4.44 9.07
C THR A 183 7.44 4.60 10.61
N ALA A 184 7.01 3.56 11.31
CA ALA A 184 6.95 3.55 12.78
C ALA A 184 8.34 3.71 13.36
N PRO A 185 8.45 4.41 14.51
CA PRO A 185 9.76 4.69 15.16
C PRO A 185 10.60 3.44 15.41
N GLU A 186 9.96 2.34 15.83
CA GLU A 186 10.69 1.11 16.16
C GLU A 186 11.30 0.49 14.92
N ALA A 187 10.64 0.70 13.78
CA ALA A 187 11.16 0.19 12.52
C ALA A 187 12.31 1.04 12.03
N ILE A 188 12.17 2.37 12.12
CA ILE A 188 13.27 3.26 11.75
C ILE A 188 14.47 3.05 12.70
N ASN A 189 14.21 2.91 14.00
CA ASN A 189 15.28 2.82 15.00
C ASN A 189 16.00 1.45 15.11
N TYR A 190 15.23 0.37 14.98
CA TYR A 190 15.70 -0.99 15.25
C TYR A 190 15.53 -1.95 14.06
N GLY A 191 14.81 -1.51 13.04
CA GLY A 191 14.56 -2.36 11.87
C GLY A 191 13.53 -3.42 12.18
N THR A 192 12.83 -3.30 13.31
CA THR A 192 11.88 -4.31 13.73
C THR A 192 10.48 -3.88 13.25
N PHE A 193 9.88 -4.68 12.36
CA PHE A 193 8.56 -4.40 11.76
C PHE A 193 7.55 -5.41 12.21
N THR A 194 6.34 -4.95 12.54
CA THR A 194 5.28 -5.90 12.89
C THR A 194 4.00 -5.39 12.23
N ILE A 195 2.88 -6.07 12.40
CA ILE A 195 1.65 -5.52 11.85
C ILE A 195 1.39 -4.13 12.50
N LYS A 196 1.91 -3.94 13.73
CA LYS A 196 1.67 -2.72 14.50
C LYS A 196 2.44 -1.55 13.86
N SER A 197 3.53 -1.85 13.14
CA SER A 197 4.23 -0.82 12.35
C SER A 197 3.35 -0.40 11.19
N ASP A 198 2.66 -1.36 10.58
CA ASP A 198 1.76 -1.04 9.50
C ASP A 198 0.63 -0.21 10.07
N VAL A 199 0.22 -0.49 11.30
CA VAL A 199 -0.82 0.31 11.92
C VAL A 199 -0.41 1.78 12.02
N TRP A 200 0.83 2.02 12.42
CA TRP A 200 1.38 3.38 12.48
C TRP A 200 1.30 4.07 11.08
N SER A 201 1.78 3.39 10.07
CA SER A 201 1.71 3.88 8.71
C SER A 201 0.27 4.20 8.27
N PHE A 202 -0.66 3.32 8.65
CA PHE A 202 -2.07 3.59 8.36
C PHE A 202 -2.52 4.96 8.95
N GLY A 203 -2.08 5.28 10.16
CA GLY A 203 -2.39 6.57 10.75
C GLY A 203 -1.92 7.72 9.85
N ILE A 204 -0.69 7.63 9.36
CA ILE A 204 -0.13 8.62 8.43
C ILE A 204 -0.97 8.63 7.13
N LEU A 205 -1.27 7.44 6.61
CA LEU A 205 -2.11 7.34 5.40
C LEU A 205 -3.41 8.08 5.55
N LEU A 206 -4.04 7.99 6.73
CA LEU A 206 -5.27 8.77 7.04
C LEU A 206 -5.13 10.30 6.83
N THR A 207 -3.99 10.86 7.24
CA THR A 207 -3.70 12.28 6.98
C THR A 207 -3.62 12.58 5.48
N GLU A 208 -3.05 11.65 4.71
CA GLU A 208 -3.00 11.84 3.26
C GLU A 208 -4.44 11.84 2.70
N ILE A 209 -5.31 11.00 3.24
CA ILE A 209 -6.68 10.91 2.72
C ILE A 209 -7.42 12.25 2.96
N VAL A 210 -7.30 12.75 4.17
CA VAL A 210 -8.10 13.90 4.57
C VAL A 210 -7.51 15.21 3.98
N THR A 211 -6.22 15.20 3.59
CA THR A 211 -5.60 16.40 3.03
C THR A 211 -5.55 16.36 1.49
N HIS A 212 -6.27 15.41 0.93
CA HIS A 212 -6.21 15.15 -0.51
C HIS A 212 -4.79 14.97 -1.01
N GLY A 213 -4.01 14.18 -0.30
CA GLY A 213 -2.70 13.78 -0.79
C GLY A 213 -1.52 14.65 -0.40
N ARG A 214 -1.69 15.54 0.55
CA ARG A 214 -0.58 16.35 1.07
C ARG A 214 0.50 15.51 1.81
N ILE A 215 1.73 16.01 1.75
CA ILE A 215 2.84 15.44 2.48
C ILE A 215 2.62 15.57 4.00
N PRO A 216 2.76 14.44 4.74
CA PRO A 216 2.66 14.48 6.23
C PRO A 216 3.65 15.43 6.90
N TYR A 217 3.30 15.86 8.12
CA TYR A 217 4.09 16.79 8.92
C TYR A 217 4.45 18.04 8.10
N PRO A 218 3.43 18.85 7.75
CA PRO A 218 3.59 20.08 6.98
C PRO A 218 4.74 20.95 7.52
N GLY A 219 5.63 21.35 6.62
CA GLY A 219 6.68 22.30 6.98
C GLY A 219 7.85 21.74 7.79
N MET A 220 7.90 20.41 7.94
CA MET A 220 8.93 19.78 8.76
C MET A 220 9.86 18.91 7.95
N THR A 221 11.14 18.98 8.29
CA THR A 221 12.12 18.02 7.79
C THR A 221 12.08 16.71 8.56
N ASN A 222 12.74 15.69 8.02
CA ASN A 222 12.86 14.43 8.74
C ASN A 222 13.46 14.50 10.15
N PRO A 223 14.63 15.17 10.32
CA PRO A 223 15.14 15.37 11.68
C PRO A 223 14.14 16.08 12.63
N GLU A 224 13.38 17.05 12.11
CA GLU A 224 12.38 17.72 13.00
C GLU A 224 11.25 16.75 13.42
N VAL A 225 10.78 15.93 12.46
CA VAL A 225 9.78 14.87 12.72
C VAL A 225 10.24 13.90 13.84
N ILE A 226 11.45 13.38 13.71
CA ILE A 226 12.02 12.47 14.71
C ILE A 226 12.08 13.13 16.09
N GLN A 227 12.54 14.39 16.13
CA GLN A 227 12.69 15.12 17.39
C GLN A 227 11.33 15.47 18.05
N ASN A 228 10.35 15.85 17.25
CA ASN A 228 9.02 16.11 17.74
C ASN A 228 8.40 14.84 18.34
N LEU A 229 8.48 13.73 17.64
CA LEU A 229 7.92 12.46 18.15
C LEU A 229 8.56 12.01 19.44
N GLU A 230 9.90 12.14 19.56
CA GLU A 230 10.62 11.82 20.79
C GLU A 230 10.20 12.70 21.98
N ARG A 231 9.72 13.92 21.71
CA ARG A 231 9.20 14.77 22.78
C ARG A 231 7.79 14.32 23.17
N GLY A 232 7.18 13.45 22.39
CA GLY A 232 5.78 13.06 22.66
C GLY A 232 4.77 13.82 21.82
N TYR A 233 5.23 14.68 20.93
CA TYR A 233 4.29 15.34 19.99
C TYR A 233 3.95 14.35 18.91
N ARG A 234 2.77 14.51 18.30
CA ARG A 234 2.41 13.77 17.07
C ARG A 234 2.12 14.81 16.00
N MET A 235 1.73 14.36 14.81
CA MET A 235 1.43 15.33 13.76
C MET A 235 0.34 16.30 14.22
N VAL A 236 0.57 17.59 13.97
CA VAL A 236 -0.46 18.61 14.10
C VAL A 236 -1.75 18.24 13.34
N ARG A 237 -2.89 18.50 13.97
CA ARG A 237 -4.21 18.29 13.35
C ARG A 237 -4.26 18.88 11.96
N PRO A 238 -4.45 18.02 10.93
CA PRO A 238 -4.56 18.55 9.54
C PRO A 238 -5.74 19.48 9.44
N ASP A 239 -5.67 20.46 8.53
CA ASP A 239 -6.80 21.35 8.24
C ASP A 239 -8.00 20.48 7.87
N ASN A 240 -9.17 20.82 8.44
CA ASN A 240 -10.44 20.15 8.11
C ASN A 240 -10.48 18.64 8.36
N CYS A 241 -9.79 18.22 9.40
CA CYS A 241 -9.83 16.82 9.85
C CYS A 241 -10.87 16.73 11.00
N PRO A 242 -11.91 15.87 10.85
CA PRO A 242 -12.80 15.63 11.97
C PRO A 242 -11.98 15.16 13.19
N GLU A 243 -12.30 15.71 14.36
CA GLU A 243 -11.54 15.37 15.55
C GLU A 243 -11.61 13.87 15.84
N GLU A 244 -12.72 13.23 15.50
CA GLU A 244 -12.85 11.78 15.68
C GLU A 244 -11.79 11.01 14.94
N LEU A 245 -11.60 11.40 13.70
CA LEU A 245 -10.60 10.78 12.85
C LEU A 245 -9.20 11.12 13.41
N TYR A 246 -9.03 12.35 13.89
CA TYR A 246 -7.74 12.74 14.45
C TYR A 246 -7.42 11.81 15.63
N GLN A 247 -8.42 11.55 16.46
CA GLN A 247 -8.15 10.70 17.63
C GLN A 247 -7.87 9.24 17.20
N LEU A 248 -8.49 8.82 16.09
CA LEU A 248 -8.19 7.51 15.57
C LEU A 248 -6.72 7.43 15.06
N MET A 249 -6.27 8.46 14.34
CA MET A 249 -4.83 8.57 13.97
C MET A 249 -3.91 8.42 15.21
N ARG A 250 -4.24 9.15 16.27
CA ARG A 250 -3.46 9.13 17.53
C ARG A 250 -3.34 7.72 18.13
N LEU A 251 -4.42 6.93 18.07
CA LEU A 251 -4.34 5.51 18.50
C LEU A 251 -3.29 4.74 17.66
N CYS A 252 -3.28 4.97 16.35
CA CYS A 252 -2.28 4.39 15.46
C CYS A 252 -0.86 4.81 15.85
N TRP A 253 -0.72 5.97 16.50
CA TRP A 253 0.57 6.50 16.80
C TRP A 253 1.01 6.33 18.25
N LYS A 254 0.33 5.45 18.99
CA LYS A 254 0.81 5.09 20.33
C LYS A 254 2.28 4.71 20.37
N GLU A 255 2.91 5.10 21.46
CA GLU A 255 4.34 4.88 21.68
C GLU A 255 4.68 3.38 21.64
N ARG A 256 3.99 2.57 22.45
CA ARG A 256 4.23 1.09 22.44
C ARG A 256 3.44 0.41 21.31
N PRO A 257 4.13 -0.35 20.41
CA PRO A 257 3.43 -1.03 19.32
C PRO A 257 2.23 -1.82 19.81
N GLU A 258 2.37 -2.55 20.91
CA GLU A 258 1.28 -3.40 21.41
C GLU A 258 0.05 -2.59 21.85
N ASP A 259 0.22 -1.31 22.12
CA ASP A 259 -0.94 -0.48 22.47
C ASP A 259 -1.72 -0.01 21.26
N ARG A 260 -1.13 -0.12 20.06
CA ARG A 260 -1.83 0.30 18.82
C ARG A 260 -2.95 -0.70 18.46
N PRO A 261 -4.07 -0.23 17.86
CA PRO A 261 -5.20 -1.12 17.62
C PRO A 261 -4.92 -2.12 16.51
N THR A 262 -5.79 -3.11 16.39
CA THR A 262 -5.82 -4.04 15.27
C THR A 262 -6.43 -3.39 14.02
N PHE A 263 -6.15 -3.95 12.85
CA PHE A 263 -6.78 -3.42 11.65
C PHE A 263 -8.28 -3.76 11.60
N ASP A 264 -8.64 -4.90 12.20
CA ASP A 264 -10.06 -5.19 12.31
C ASP A 264 -10.81 -4.15 13.14
N TYR A 265 -10.18 -3.67 14.22
CA TYR A 265 -10.78 -2.57 15.02
C TYR A 265 -10.89 -1.30 14.18
N LEU A 266 -9.79 -0.95 13.49
CA LEU A 266 -9.77 0.23 12.65
C LEU A 266 -10.88 0.18 11.60
N ARG A 267 -11.02 -0.97 10.93
CA ARG A 267 -12.08 -1.16 9.93
C ARG A 267 -13.45 -0.87 10.54
N SER A 268 -13.70 -1.52 11.68
CA SER A 268 -14.97 -1.43 12.37
C SER A 268 -15.29 0.02 12.71
N VAL A 269 -14.30 0.71 13.26
CA VAL A 269 -14.52 2.09 13.65
C VAL A 269 -14.81 2.96 12.42
N LEU A 270 -14.00 2.79 11.38
CA LEU A 270 -14.16 3.62 10.20
C LEU A 270 -15.52 3.37 9.50
N GLU A 271 -16.01 2.12 9.50
CA GLU A 271 -17.35 1.86 8.98
C GLU A 271 -18.43 2.63 9.79
N ASP A 272 -18.27 2.70 11.10
CA ASP A 272 -19.16 3.47 11.97
C ASP A 272 -19.09 4.95 11.64
N PHE A 273 -17.88 5.47 11.40
CA PHE A 273 -17.66 6.88 11.08
C PHE A 273 -18.39 7.17 9.76
N PHE A 274 -18.25 6.25 8.81
CA PHE A 274 -18.86 6.36 7.48
C PHE A 274 -20.40 6.33 7.50
N THR A 275 -21.01 5.46 8.29
CA THR A 275 -22.46 5.37 8.27
C THR A 275 -23.10 6.50 9.09
N ALA A 276 -22.35 7.02 10.06
CA ALA A 276 -22.80 8.14 10.89
C ALA A 276 -22.82 9.42 10.07
N THR A 277 -22.10 9.39 8.94
CA THR A 277 -21.91 10.56 8.06
C THR A 277 -22.67 10.36 6.72
N GLU A 278 -22.36 11.01 5.70
S SO4 B . -14.38 -4.60 -5.57
O1 SO4 B . -15.63 -4.45 -6.32
O2 SO4 B . -14.67 -5.15 -4.25
O3 SO4 B . -13.75 -3.32 -5.40
O4 SO4 B . -13.49 -5.52 -6.23
S SO4 C . -14.61 1.43 21.61
O1 SO4 C . -16.02 1.05 21.43
O2 SO4 C . -13.93 0.22 22.11
O3 SO4 C . -14.53 2.58 22.55
O4 SO4 C . -14.05 1.86 20.30
S DMS D . 9.60 -20.11 -19.60
O DMS D . 10.32 -20.44 -21.23
C1 DMS D . 10.90 -19.52 -18.47
C2 DMS D . 8.42 -18.74 -19.65
C1 MPD E . 12.65 8.46 2.41
C2 MPD E . 12.12 9.72 3.12
O2 MPD E . 12.23 9.52 4.55
CM MPD E . 12.97 10.93 2.73
C3 MPD E . 10.66 9.89 2.67
C4 MPD E . 9.84 10.93 3.40
O4 MPD E . 9.60 10.55 4.73
C5 MPD E . 10.46 12.31 3.29
C1 KSE F . -1.68 1.46 -12.20
N2 KSE F . -0.51 2.11 -12.00
N3 KSE F . 0.32 1.11 -11.44
C4 KSE F . -0.21 -0.11 -11.28
C5 KSE F . -1.57 0.05 -11.79
C6 KSE F . 1.60 1.31 -11.09
C7 KSE F . 2.32 0.23 -10.58
C8 KSE F . 1.72 -1.03 -10.43
N9 KSE F . 0.44 -1.20 -10.80
C11 KSE F . 2.50 -2.18 -9.85
N15 KSE F . 2.16 2.53 -11.25
C16 KSE F . 2.02 3.55 -10.21
C17 KSE F . 2.46 4.90 -10.76
N20 KSE F . 1.92 5.95 -9.89
C21 KSE F . 1.93 5.12 -12.19
C25 KSE F . 4.00 4.96 -10.74
N32 KSE F . -2.81 1.97 -12.73
C33 KSE F . -2.88 3.25 -13.17
C34 KSE F . -4.12 3.71 -13.61
C35 KSE F . -4.24 5.02 -14.06
C36 KSE F . -3.14 5.88 -14.10
C37 KSE F . -1.90 5.44 -13.65
C38 KSE F . -1.77 4.11 -13.20
C42 KSE F . -2.60 -1.00 -11.82
O43 KSE F . -3.57 -0.68 -12.49
N44 KSE F . -2.47 -2.16 -11.13
O48 KSE F . -5.47 5.49 -14.45
O49 KSE F . -0.83 6.31 -13.65
C50 KSE F . -0.65 7.30 -14.68
C54 KSE F . -5.83 6.84 -14.09
#